data_8EU7
#
_entry.id   8EU7
#
_cell.length_a   1.00
_cell.length_b   1.00
_cell.length_c   1.00
_cell.angle_alpha   90.00
_cell.angle_beta   90.00
_cell.angle_gamma   90.00
#
_symmetry.space_group_name_H-M   'P 1'
#
_entity_poly.entity_id   1
_entity_poly.type   'polypeptide(L)'
_entity_poly.pdbx_seq_one_letter_code
;EGYGKHITSMHVRNIFNQGNQVIRNIVKQQRYELLDFTGTEAGTTNLPKIIPYQCIWWRGLQNAANVNQTINNMIALNTI
SYGVRFLKAKLCIEVYAVTRKRLIQTGATSYYTDDFEQGQNLFIGWADRKAESIPITTPADLDETKLTVANTTLFDANND
NITKEEVPTREKWCHTWDLDVLNHNYLWEPNNLDSQWTLIPGAQAVQPTATPIGPTYQEIVIATKAIGANESALVTTIQD
RRSYPRLMLSQPQIKDETDTMKFKYQIRISTELEMEHHIKPDIANPWLTRQTLPLPALSGDGTTRYVPCVPYETHVSQ
;
_entity_poly.pdbx_strand_id   A
#
# COMPACT_ATOMS: atom_id res chain seq x y z
N GLU A 1 -56.30 -29.79 0.15
CA GLU A 1 -56.07 -28.36 0.52
C GLU A 1 -55.87 -28.24 2.02
N GLY A 2 -54.64 -27.95 2.43
CA GLY A 2 -54.34 -27.79 3.84
C GLY A 2 -54.85 -26.47 4.38
N TYR A 3 -55.37 -26.51 5.60
CA TYR A 3 -56.04 -25.37 6.21
C TYR A 3 -55.16 -24.55 7.13
N GLY A 4 -53.89 -24.91 7.26
CA GLY A 4 -53.03 -24.27 8.23
C GLY A 4 -52.74 -22.81 7.90
N LYS A 5 -51.99 -22.20 8.82
CA LYS A 5 -51.56 -20.81 8.68
C LYS A 5 -50.14 -20.75 8.14
N HIS A 6 -49.88 -19.75 7.30
CA HIS A 6 -48.61 -19.60 6.61
C HIS A 6 -48.33 -20.75 5.67
N ILE A 7 -49.36 -21.41 5.18
CA ILE A 7 -49.21 -22.46 4.20
C ILE A 7 -49.47 -21.89 2.82
N THR A 8 -48.71 -22.36 1.85
CA THR A 8 -48.83 -21.89 0.48
C THR A 8 -48.33 -22.98 -0.44
N SER A 9 -48.72 -22.87 -1.71
CA SER A 9 -48.19 -23.78 -2.71
C SER A 9 -46.75 -23.43 -2.99
N MET A 10 -45.88 -24.43 -2.95
CA MET A 10 -44.46 -24.14 -3.02
C MET A 10 -44.12 -23.57 -4.38
N HIS A 11 -43.18 -22.64 -4.40
CA HIS A 11 -42.54 -22.21 -5.61
C HIS A 11 -41.14 -22.80 -5.63
N VAL A 12 -40.36 -22.44 -6.64
CA VAL A 12 -38.98 -22.90 -6.67
C VAL A 12 -38.26 -22.24 -5.51
N ARG A 13 -37.70 -23.05 -4.62
CA ARG A 13 -37.05 -22.54 -3.42
C ARG A 13 -35.72 -23.27 -3.29
N ASN A 14 -34.64 -22.53 -3.44
CA ASN A 14 -33.32 -22.96 -2.98
C ASN A 14 -32.74 -21.76 -2.24
N ILE A 15 -32.59 -21.91 -0.93
CA ILE A 15 -32.26 -20.77 -0.08
C ILE A 15 -30.78 -20.47 -0.04
N PHE A 16 -29.97 -21.30 -0.68
CA PHE A 16 -28.54 -21.11 -0.67
C PHE A 16 -28.15 -19.83 -1.39
N ASN A 17 -26.97 -19.32 -1.01
CA ASN A 17 -26.62 -17.92 -1.22
C ASN A 17 -26.41 -17.55 -2.68
N GLN A 18 -26.19 -18.53 -3.55
CA GLN A 18 -25.80 -18.27 -4.93
C GLN A 18 -24.49 -17.48 -4.99
N GLY A 19 -23.69 -17.55 -3.94
CA GLY A 19 -22.37 -16.96 -3.93
C GLY A 19 -22.34 -15.46 -3.78
N ASN A 20 -23.47 -14.79 -3.77
CA ASN A 20 -23.49 -13.33 -3.66
C ASN A 20 -23.84 -12.97 -2.23
N GLN A 21 -22.81 -12.61 -1.47
CA GLN A 21 -22.93 -11.93 -0.20
C GLN A 21 -21.63 -11.20 0.04
N VAL A 22 -21.72 -10.06 0.72
CA VAL A 22 -20.60 -9.15 0.85
C VAL A 22 -20.58 -8.56 2.24
N ILE A 23 -19.40 -8.52 2.84
CA ILE A 23 -19.19 -7.86 4.11
C ILE A 23 -17.96 -6.99 3.98
N ARG A 24 -18.14 -5.68 4.12
CA ARG A 24 -17.02 -4.77 4.00
C ARG A 24 -16.28 -4.74 5.33
N ASN A 25 -15.03 -5.16 5.31
CA ASN A 25 -14.13 -4.99 6.43
C ASN A 25 -13.15 -3.89 6.08
N ILE A 26 -12.73 -3.15 7.09
CA ILE A 26 -11.77 -2.09 6.93
C ILE A 26 -10.53 -2.47 7.71
N VAL A 27 -9.44 -2.66 6.99
CA VAL A 27 -8.17 -2.98 7.62
C VAL A 27 -7.51 -1.65 7.90
N LYS A 28 -7.47 -1.28 9.16
CA LYS A 28 -7.04 0.05 9.56
C LYS A 28 -5.90 -0.10 10.54
N GLN A 29 -4.80 0.57 10.25
CA GLN A 29 -3.60 0.48 11.04
C GLN A 29 -3.18 1.89 11.38
N GLN A 30 -2.97 2.16 12.66
CA GLN A 30 -2.76 3.51 13.16
C GLN A 30 -1.53 3.51 14.03
N ARG A 31 -0.57 4.34 13.69
CA ARG A 31 0.75 4.28 14.30
C ARG A 31 1.28 5.67 14.57
N TYR A 32 1.81 5.86 15.75
CA TYR A 32 2.57 7.04 16.10
C TYR A 32 4.04 6.72 15.85
N GLU A 33 4.62 7.33 14.83
CA GLU A 33 5.91 6.92 14.33
C GLU A 33 6.96 8.00 14.54
N LEU A 34 8.18 7.55 14.81
CA LEU A 34 9.35 8.40 14.83
C LEU A 34 9.96 8.43 13.44
N LEU A 35 10.07 9.62 12.88
CA LEU A 35 10.65 9.83 11.57
C LEU A 35 11.92 10.63 11.78
N ASP A 36 13.07 9.98 11.64
CA ASP A 36 14.33 10.48 12.16
C ASP A 36 15.33 10.62 11.04
N PHE A 37 15.73 11.86 10.76
CA PHE A 37 16.76 12.18 9.80
C PHE A 37 18.11 12.44 10.46
N THR A 38 18.19 12.32 11.79
CA THR A 38 19.37 12.72 12.52
C THR A 38 20.43 11.63 12.61
N GLY A 39 20.10 10.39 12.26
CA GLY A 39 21.02 9.30 12.39
C GLY A 39 21.78 9.04 11.12
N THR A 40 22.92 8.37 11.26
CA THR A 40 23.74 8.00 10.12
C THR A 40 23.52 6.55 9.67
N GLU A 41 22.61 5.81 10.32
CA GLU A 41 22.48 4.40 10.05
C GLU A 41 21.00 4.00 10.06
N ALA A 42 20.72 2.91 9.36
CA ALA A 42 19.44 2.21 9.47
C ALA A 42 18.27 3.12 9.09
N GLY A 43 18.41 3.81 7.97
CA GLY A 43 17.34 4.63 7.45
C GLY A 43 17.09 5.90 8.23
N THR A 44 17.78 6.12 9.34
CA THR A 44 17.70 7.39 10.05
C THR A 44 18.39 8.53 9.30
N THR A 45 19.05 8.23 8.20
CA THR A 45 19.78 9.24 7.44
C THR A 45 18.81 10.23 6.82
N ASN A 46 19.36 11.39 6.43
CA ASN A 46 18.56 12.44 5.81
C ASN A 46 17.81 11.94 4.59
N LEU A 47 18.19 10.80 4.04
CA LEU A 47 17.53 10.27 2.87
C LEU A 47 16.02 10.22 3.12
N PRO A 48 15.19 10.58 2.14
CA PRO A 48 13.76 10.62 2.37
C PRO A 48 13.21 9.24 2.72
N LYS A 49 12.09 9.25 3.44
CA LYS A 49 11.40 8.04 3.81
C LYS A 49 10.35 7.72 2.76
N ILE A 50 10.28 6.45 2.35
CA ILE A 50 9.30 6.06 1.35
C ILE A 50 8.14 5.42 2.08
N ILE A 51 6.91 5.73 1.69
CA ILE A 51 5.75 5.07 2.26
C ILE A 51 5.46 4.03 1.19
N PRO A 52 5.66 2.74 1.49
CA PRO A 52 5.47 1.76 0.43
C PRO A 52 4.03 1.31 0.35
N TYR A 53 3.16 2.23 -0.05
CA TYR A 53 1.76 1.91 -0.18
C TYR A 53 1.49 0.97 -1.34
N GLN A 54 2.32 1.01 -2.38
CA GLN A 54 2.18 0.08 -3.52
C GLN A 54 2.20 -1.33 -2.98
N CYS A 55 2.77 -1.54 -1.81
CA CYS A 55 2.85 -2.84 -1.17
C CYS A 55 1.72 -2.97 -0.17
N ILE A 56 1.82 -4.00 0.65
CA ILE A 56 0.80 -4.40 1.62
C ILE A 56 1.09 -3.84 3.01
N TRP A 57 1.99 -2.88 3.06
CA TRP A 57 2.27 -2.08 4.24
C TRP A 57 0.99 -1.61 4.92
N TRP A 58 -0.10 -1.53 4.16
CA TRP A 58 -1.39 -1.16 4.71
C TRP A 58 -1.81 -2.05 5.87
N ARG A 59 -1.24 -3.24 5.98
CA ARG A 59 -1.53 -4.16 7.05
C ARG A 59 -0.66 -3.96 8.27
N GLY A 60 0.40 -3.17 8.15
CA GLY A 60 1.38 -3.09 9.21
C GLY A 60 2.25 -4.33 9.29
N LEU A 61 2.46 -4.99 8.16
CA LEU A 61 3.18 -6.25 8.17
C LEU A 61 4.62 -6.09 8.59
N GLN A 62 5.16 -4.88 8.56
CA GLN A 62 6.56 -4.69 8.91
C GLN A 62 6.82 -5.01 10.37
N ASN A 63 5.81 -4.89 11.22
CA ASN A 63 5.93 -5.24 12.62
C ASN A 63 4.71 -6.04 13.01
N ALA A 64 4.92 -7.27 13.48
CA ALA A 64 3.80 -8.10 13.92
C ALA A 64 3.15 -7.56 15.18
N ALA A 65 3.74 -6.55 15.81
CA ALA A 65 3.17 -5.96 17.01
C ALA A 65 2.00 -5.05 16.71
N ASN A 66 1.83 -4.64 15.46
CA ASN A 66 0.73 -3.77 15.06
C ASN A 66 -0.48 -4.55 14.58
N VAL A 67 -0.44 -5.87 14.66
CA VAL A 67 -1.59 -6.68 14.29
C VAL A 67 -2.74 -6.39 15.23
N ASN A 68 -3.89 -6.08 14.67
CA ASN A 68 -5.11 -5.80 15.44
C ASN A 68 -6.21 -6.72 14.93
N GLN A 69 -7.43 -6.48 15.42
CA GLN A 69 -8.53 -7.35 15.01
C GLN A 69 -8.82 -7.21 13.53
N THR A 70 -8.74 -5.99 12.99
CA THR A 70 -9.07 -5.80 11.58
C THR A 70 -8.28 -6.75 10.71
N ILE A 71 -7.00 -6.95 11.04
CA ILE A 71 -6.24 -7.99 10.40
C ILE A 71 -6.78 -9.35 10.77
N ASN A 72 -7.00 -9.58 12.07
CA ASN A 72 -7.53 -10.85 12.50
C ASN A 72 -8.98 -11.02 12.08
N ASN A 73 -9.62 -9.94 11.65
CA ASN A 73 -10.92 -10.06 10.99
C ASN A 73 -10.72 -10.56 9.57
N MET A 74 -9.85 -9.90 8.83
CA MET A 74 -9.53 -10.29 7.47
C MET A 74 -9.00 -11.73 7.41
N ILE A 75 -7.99 -12.03 8.24
CA ILE A 75 -7.45 -13.38 8.28
C ILE A 75 -8.55 -14.40 8.43
N ALA A 76 -9.60 -14.05 9.17
CA ALA A 76 -10.71 -14.95 9.37
C ALA A 76 -11.62 -14.96 8.14
N LEU A 77 -11.93 -13.78 7.61
CA LEU A 77 -12.83 -13.71 6.47
C LEU A 77 -12.20 -14.27 5.21
N ASN A 78 -10.89 -14.08 5.05
CA ASN A 78 -10.21 -14.65 3.90
C ASN A 78 -10.21 -16.17 3.93
N THR A 79 -10.66 -16.76 5.04
CA THR A 79 -10.88 -18.20 5.05
C THR A 79 -12.21 -18.54 4.40
N ILE A 80 -13.23 -17.71 4.64
CA ILE A 80 -14.57 -17.96 4.14
C ILE A 80 -14.90 -17.17 2.90
N SER A 81 -13.97 -16.41 2.36
CA SER A 81 -14.20 -15.60 1.17
C SER A 81 -13.55 -16.25 -0.03
N TYR A 82 -14.30 -16.34 -1.12
CA TYR A 82 -13.77 -16.83 -2.37
C TYR A 82 -13.04 -15.74 -3.14
N GLY A 83 -13.33 -14.49 -2.84
CA GLY A 83 -12.69 -13.38 -3.49
C GLY A 83 -12.90 -12.13 -2.68
N VAL A 84 -11.99 -11.19 -2.85
CA VAL A 84 -11.99 -9.96 -2.09
C VAL A 84 -11.84 -8.78 -3.04
N ARG A 85 -12.33 -7.64 -2.59
CA ARG A 85 -12.40 -6.43 -3.38
C ARG A 85 -11.95 -5.28 -2.52
N PHE A 86 -10.98 -4.51 -3.00
CA PHE A 86 -10.47 -3.35 -2.30
C PHE A 86 -11.08 -2.11 -2.92
N LEU A 87 -12.03 -1.50 -2.23
CA LEU A 87 -12.80 -0.42 -2.81
C LEU A 87 -12.33 0.97 -2.38
N LYS A 88 -11.39 1.06 -1.45
CA LYS A 88 -10.74 2.31 -1.11
C LYS A 88 -9.44 2.00 -0.39
N ALA A 89 -8.57 3.00 -0.37
CA ALA A 89 -7.43 3.01 0.54
C ALA A 89 -7.22 4.44 1.00
N LYS A 90 -7.21 4.64 2.30
CA LYS A 90 -7.15 5.97 2.89
C LYS A 90 -5.89 6.07 3.72
N LEU A 91 -4.96 6.90 3.28
CA LEU A 91 -3.74 7.17 4.01
C LEU A 91 -3.81 8.55 4.59
N CYS A 92 -3.54 8.66 5.88
CA CYS A 92 -3.61 9.93 6.58
C CYS A 92 -2.41 10.05 7.49
N ILE A 93 -1.63 11.10 7.29
CA ILE A 93 -0.42 11.36 8.04
C ILE A 93 -0.67 12.59 8.89
N GLU A 94 -0.77 12.40 10.19
CA GLU A 94 -0.99 13.48 11.13
C GLU A 94 0.35 13.80 11.76
N VAL A 95 0.91 14.96 11.43
CA VAL A 95 2.11 15.41 12.09
C VAL A 95 1.74 15.93 13.46
N TYR A 96 2.65 15.76 14.42
CA TYR A 96 2.50 16.34 15.74
C TYR A 96 3.66 17.27 16.05
N ALA A 97 4.86 16.74 16.09
CA ALA A 97 6.05 17.50 16.44
C ALA A 97 6.95 17.65 15.23
N VAL A 98 7.67 18.75 15.21
CA VAL A 98 8.80 18.94 14.31
C VAL A 98 9.99 19.34 15.15
N THR A 99 10.98 18.47 15.23
CA THR A 99 12.14 18.68 16.06
C THR A 99 13.38 18.56 15.18
N ARG A 100 14.42 19.31 15.53
CA ARG A 100 15.67 19.22 14.79
C ARG A 100 16.84 19.28 15.76
N LYS A 101 17.94 18.68 15.34
CA LYS A 101 19.14 18.63 16.17
C LYS A 101 19.97 19.86 15.85
N ARG A 102 20.04 20.78 16.80
CA ARG A 102 20.74 22.03 16.63
C ARG A 102 22.21 21.83 16.99
N LEU A 103 23.07 22.53 16.29
CA LEU A 103 24.51 22.42 16.49
C LEU A 103 25.09 23.82 16.70
N ILE A 104 25.71 24.02 17.85
CA ILE A 104 26.52 25.22 18.10
C ILE A 104 27.97 24.80 17.93
N GLN A 105 28.60 25.27 16.87
CA GLN A 105 29.92 24.81 16.47
C GLN A 105 30.95 25.83 16.93
N THR A 106 31.76 25.45 17.91
CA THR A 106 32.86 26.28 18.39
C THR A 106 34.12 25.44 18.33
N GLY A 107 35.03 25.77 17.43
CA GLY A 107 36.17 24.90 17.22
C GLY A 107 35.67 23.51 16.93
N ALA A 108 36.12 22.54 17.72
CA ALA A 108 35.63 21.18 17.66
C ALA A 108 34.54 20.87 18.69
N THR A 109 34.13 21.87 19.48
CA THR A 109 33.26 21.57 20.63
C THR A 109 31.97 20.89 20.20
N SER A 110 31.21 21.53 19.33
CA SER A 110 30.00 20.94 18.74
C SER A 110 28.97 20.59 19.83
N TYR A 111 28.36 21.64 20.37
CA TYR A 111 27.22 21.48 21.26
C TYR A 111 26.03 20.95 20.48
N TYR A 112 25.31 19.98 21.05
CA TYR A 112 24.11 19.42 20.43
C TYR A 112 22.90 19.66 21.31
N THR A 113 21.77 19.95 20.66
CA THR A 113 20.48 19.95 21.32
C THR A 113 19.39 19.78 20.27
N ASP A 114 18.21 19.41 20.72
CA ASP A 114 17.06 19.21 19.86
C ASP A 114 16.00 20.24 20.19
N ASP A 115 15.62 21.04 19.19
CA ASP A 115 14.67 22.11 19.37
C ASP A 115 13.53 21.98 18.38
N PHE A 116 12.47 22.72 18.67
CA PHE A 116 11.26 22.71 17.87
C PHE A 116 11.37 23.73 16.74
N GLU A 117 11.26 23.23 15.53
CA GLU A 117 11.36 24.04 14.33
C GLU A 117 10.01 24.49 13.81
N GLN A 118 8.94 24.30 14.58
CA GLN A 118 7.60 24.62 14.09
C GLN A 118 7.61 25.97 13.38
N GLY A 119 7.04 25.99 12.18
CA GLY A 119 7.35 26.97 11.17
C GLY A 119 8.08 26.37 9.99
N GLN A 120 8.62 25.17 10.12
CA GLN A 120 9.02 24.35 8.98
C GLN A 120 8.15 23.10 8.95
N ASN A 121 7.86 22.64 7.77
CA ASN A 121 6.81 21.66 7.55
C ASN A 121 7.41 20.30 7.23
N LEU A 122 6.53 19.33 7.02
CA LEU A 122 6.91 18.02 6.55
C LEU A 122 6.59 17.92 5.06
N PHE A 123 7.55 17.43 4.31
CA PHE A 123 7.46 17.40 2.86
C PHE A 123 7.00 16.03 2.41
N ILE A 124 5.89 15.97 1.69
CA ILE A 124 5.36 14.74 1.13
C ILE A 124 5.71 14.77 -0.35
N GLY A 125 6.73 14.03 -0.76
CA GLY A 125 7.07 13.93 -2.15
C GLY A 125 6.28 12.82 -2.81
N TRP A 126 5.83 13.07 -4.04
CA TRP A 126 5.14 12.05 -4.79
C TRP A 126 6.04 11.30 -5.77
N ALA A 127 7.18 11.85 -6.14
CA ALA A 127 7.97 11.29 -7.23
C ALA A 127 7.08 10.97 -8.43
N ASP A 128 6.27 11.94 -8.82
CA ASP A 128 5.31 11.75 -9.90
C ASP A 128 5.86 12.08 -11.27
N ARG A 129 7.06 12.63 -11.37
CA ARG A 129 7.70 12.85 -12.66
C ARG A 129 8.75 11.81 -13.01
N LYS A 130 9.04 10.88 -12.10
CA LYS A 130 10.13 9.94 -12.28
C LYS A 130 9.62 8.51 -12.21
N ALA A 131 10.42 7.60 -12.74
CA ALA A 131 10.22 6.18 -12.55
C ALA A 131 11.22 5.70 -11.51
N GLU A 132 10.73 5.40 -10.32
CA GLU A 132 11.58 5.05 -9.19
C GLU A 132 11.00 3.85 -8.49
N SER A 133 11.71 2.73 -8.53
CA SER A 133 11.30 1.51 -7.86
C SER A 133 11.69 1.55 -6.38
N ILE A 134 10.96 0.76 -5.60
CA ILE A 134 11.22 0.60 -4.17
C ILE A 134 11.82 -0.78 -3.94
N PRO A 135 12.99 -0.87 -3.30
CA PRO A 135 13.49 -2.19 -2.91
C PRO A 135 12.73 -2.75 -1.72
N ILE A 136 12.47 -4.05 -1.77
CA ILE A 136 11.87 -4.76 -0.65
C ILE A 136 12.70 -6.01 -0.38
N THR A 137 13.43 -6.00 0.72
CA THR A 137 14.16 -7.18 1.14
C THR A 137 13.32 -8.10 2.01
N THR A 138 12.58 -7.51 2.96
CA THR A 138 11.85 -8.24 3.98
C THR A 138 10.60 -7.46 4.37
N PRO A 139 9.76 -8.01 5.25
CA PRO A 139 8.63 -7.21 5.73
C PRO A 139 9.06 -6.03 6.57
N ALA A 140 10.07 -6.24 7.43
CA ALA A 140 10.60 -5.14 8.22
C ALA A 140 11.26 -4.08 7.35
N ASP A 141 11.67 -4.45 6.14
CA ASP A 141 12.37 -3.50 5.27
C ASP A 141 11.45 -2.42 4.74
N LEU A 142 10.14 -2.66 4.73
CA LEU A 142 9.20 -1.68 4.21
C LEU A 142 8.65 -0.76 5.28
N ASP A 143 9.16 -0.83 6.50
CA ASP A 143 8.77 0.15 7.51
C ASP A 143 9.04 1.53 6.97
N GLU A 144 8.01 2.38 6.95
CA GLU A 144 8.15 3.68 6.33
C GLU A 144 9.16 4.54 7.05
N THR A 145 9.47 4.21 8.30
CA THR A 145 10.41 5.03 9.06
C THR A 145 11.85 4.72 8.70
N LYS A 146 12.19 3.46 8.48
CA LYS A 146 13.55 3.07 8.14
C LYS A 146 13.76 2.84 6.66
N LEU A 147 12.75 3.05 5.83
CA LEU A 147 12.83 2.74 4.42
C LEU A 147 13.42 3.93 3.68
N THR A 148 14.57 3.72 3.04
CA THR A 148 15.29 4.77 2.35
C THR A 148 15.92 4.19 1.10
N VAL A 149 16.31 5.08 0.19
CA VAL A 149 17.02 4.71 -1.02
C VAL A 149 18.17 5.69 -1.20
N ALA A 150 19.37 5.15 -1.39
CA ALA A 150 20.57 5.97 -1.43
C ALA A 150 20.51 6.94 -2.62
N ASN A 151 21.15 8.09 -2.43
CA ASN A 151 21.24 9.11 -3.47
C ASN A 151 19.85 9.51 -3.96
N THR A 152 18.87 9.47 -3.07
CA THR A 152 17.53 9.94 -3.35
C THR A 152 17.20 11.10 -2.42
N THR A 153 16.53 12.10 -2.98
CA THR A 153 16.10 13.26 -2.20
C THR A 153 14.96 13.94 -2.94
N LEU A 154 14.20 14.74 -2.19
CA LEU A 154 13.14 15.52 -2.80
C LEU A 154 13.64 16.80 -3.41
N PHE A 155 14.93 17.07 -3.30
CA PHE A 155 15.51 18.35 -3.70
C PHE A 155 16.70 18.09 -4.61
N ASP A 156 16.55 18.46 -5.87
CA ASP A 156 17.61 18.35 -6.85
C ASP A 156 17.90 19.74 -7.37
N ALA A 157 19.08 20.27 -7.06
CA ALA A 157 19.40 21.64 -7.39
C ALA A 157 19.41 21.89 -8.89
N ASN A 158 19.30 20.85 -9.70
CA ASN A 158 19.35 20.98 -11.15
C ASN A 158 17.94 20.86 -11.74
N ASN A 159 17.35 19.68 -11.70
CA ASN A 159 15.97 19.47 -12.11
C ASN A 159 15.21 18.93 -10.90
N ASP A 160 14.33 19.73 -10.34
CA ASP A 160 13.52 19.29 -9.20
C ASP A 160 12.22 18.75 -9.77
N ASN A 161 12.11 17.42 -9.76
CA ASN A 161 11.08 16.72 -10.49
C ASN A 161 9.93 16.25 -9.61
N ILE A 162 9.95 16.56 -8.32
CA ILE A 162 9.00 16.00 -7.37
C ILE A 162 7.99 17.06 -6.97
N THR A 163 6.72 16.66 -6.95
CA THR A 163 5.70 17.46 -6.28
C THR A 163 5.77 17.15 -4.80
N LYS A 164 6.00 18.17 -3.99
CA LYS A 164 6.22 17.98 -2.57
C LYS A 164 5.27 18.89 -1.80
N GLU A 165 4.32 18.27 -1.13
CA GLU A 165 3.39 18.97 -0.27
C GLU A 165 4.00 19.20 1.09
N GLU A 166 3.56 20.27 1.76
CA GLU A 166 4.05 20.59 3.08
C GLU A 166 2.99 20.27 4.12
N VAL A 167 3.37 19.48 5.11
CA VAL A 167 2.49 19.17 6.22
C VAL A 167 3.10 19.81 7.46
N PRO A 168 2.51 20.88 7.97
CA PRO A 168 3.03 21.50 9.18
C PRO A 168 2.93 20.56 10.37
N THR A 169 3.21 21.13 11.54
CA THR A 169 3.21 20.34 12.76
C THR A 169 1.83 19.76 13.02
N ARG A 170 0.83 20.62 13.14
CA ARG A 170 -0.48 20.18 13.61
C ARG A 170 -1.45 19.91 12.49
N GLU A 171 -1.06 20.15 11.24
CA GLU A 171 -1.92 19.81 10.14
C GLU A 171 -1.94 18.29 9.96
N LYS A 172 -2.73 17.82 9.00
CA LYS A 172 -2.78 16.41 8.67
C LYS A 172 -2.83 16.30 7.15
N TRP A 173 -2.38 15.16 6.65
CA TRP A 173 -2.32 14.93 5.22
C TRP A 173 -3.02 13.62 4.91
N CYS A 174 -4.13 13.71 4.19
CA CYS A 174 -4.95 12.55 3.89
C CYS A 174 -5.01 12.36 2.39
N HIS A 175 -4.61 11.19 1.94
CA HIS A 175 -4.71 10.84 0.53
C HIS A 175 -5.48 9.53 0.41
N THR A 176 -6.25 9.42 -0.66
CA THR A 176 -7.17 8.32 -0.84
C THR A 176 -6.94 7.69 -2.21
N TRP A 177 -6.91 6.37 -2.24
CA TRP A 177 -6.81 5.61 -3.47
C TRP A 177 -8.08 4.80 -3.68
N ASP A 178 -8.36 4.49 -4.93
CA ASP A 178 -9.46 3.62 -5.29
C ASP A 178 -8.87 2.36 -5.90
N LEU A 179 -8.95 1.27 -5.16
CA LEU A 179 -8.34 0.01 -5.53
C LEU A 179 -9.32 -0.94 -6.23
N ASP A 180 -10.50 -0.43 -6.58
CA ASP A 180 -11.61 -1.21 -7.08
C ASP A 180 -11.46 -1.55 -8.55
N VAL A 181 -10.27 -1.32 -9.10
CA VAL A 181 -10.04 -1.29 -10.55
C VAL A 181 -10.77 -2.43 -11.25
N LEU A 182 -10.77 -3.61 -10.65
CA LEU A 182 -11.36 -4.77 -11.31
C LEU A 182 -12.80 -4.51 -11.72
N ASN A 183 -13.18 -5.11 -12.84
CA ASN A 183 -14.51 -5.01 -13.39
C ASN A 183 -14.87 -6.36 -13.99
N HIS A 184 -16.03 -6.43 -14.63
CA HIS A 184 -16.53 -7.66 -15.22
C HIS A 184 -16.72 -8.74 -14.16
N ASN A 185 -17.14 -8.32 -12.98
CA ASN A 185 -17.48 -9.22 -11.89
C ASN A 185 -16.29 -10.03 -11.41
N TYR A 186 -15.09 -9.56 -11.72
CA TYR A 186 -13.87 -10.19 -11.22
C TYR A 186 -13.52 -9.68 -9.83
N LEU A 187 -12.79 -10.52 -9.11
CA LEU A 187 -12.36 -10.22 -7.75
C LEU A 187 -10.91 -10.63 -7.58
N TRP A 188 -10.34 -10.21 -6.46
CA TRP A 188 -8.98 -10.56 -6.13
C TRP A 188 -8.98 -11.82 -5.28
N GLU A 189 -8.12 -12.76 -5.64
CA GLU A 189 -8.00 -13.97 -4.86
C GLU A 189 -7.73 -13.60 -3.41
N PRO A 190 -8.49 -14.11 -2.45
CA PRO A 190 -8.35 -13.65 -1.08
C PRO A 190 -6.94 -13.91 -0.56
N ASN A 191 -6.33 -12.87 -0.02
CA ASN A 191 -5.01 -12.96 0.55
C ASN A 191 -5.06 -12.44 1.97
N ASN A 192 -4.29 -13.08 2.85
CA ASN A 192 -4.17 -12.61 4.22
C ASN A 192 -3.19 -11.45 4.32
N LEU A 193 -2.60 -11.05 3.20
CA LEU A 193 -1.74 -9.88 3.15
C LEU A 193 -0.50 -10.06 4.01
N ASP A 194 0.00 -11.28 4.09
CA ASP A 194 1.14 -11.63 4.93
C ASP A 194 2.46 -11.59 4.18
N SER A 195 2.44 -11.29 2.89
CA SER A 195 3.65 -11.21 2.09
C SER A 195 3.78 -9.81 1.53
N GLN A 196 4.96 -9.21 1.70
CA GLN A 196 5.19 -7.85 1.27
C GLN A 196 5.43 -7.73 -0.22
N TRP A 197 6.04 -8.73 -0.84
CA TRP A 197 6.18 -8.68 -2.28
C TRP A 197 4.84 -8.75 -2.97
N THR A 198 3.77 -8.99 -2.23
CA THR A 198 2.44 -8.72 -2.74
C THR A 198 2.29 -7.23 -2.99
N LEU A 199 1.40 -6.89 -3.92
CA LEU A 199 1.20 -5.52 -4.31
C LEU A 199 -0.29 -5.24 -4.43
N ILE A 200 -0.62 -3.96 -4.31
CA ILE A 200 -2.01 -3.55 -4.23
C ILE A 200 -2.65 -3.62 -5.60
N PRO A 201 -3.98 -3.56 -5.67
CA PRO A 201 -4.65 -3.54 -6.97
C PRO A 201 -4.27 -2.33 -7.77
N GLY A 202 -4.62 -2.39 -9.03
CA GLY A 202 -4.21 -1.41 -10.02
C GLY A 202 -3.13 -1.97 -10.90
N ALA A 203 -3.12 -1.51 -12.14
CA ALA A 203 -2.23 -2.06 -13.15
C ALA A 203 -1.18 -1.03 -13.48
N GLN A 204 0.04 -1.28 -13.02
CA GLN A 204 1.22 -0.65 -13.57
C GLN A 204 1.76 -1.61 -14.60
N ALA A 205 1.62 -1.26 -15.87
CA ALA A 205 1.99 -2.19 -16.92
C ALA A 205 3.47 -2.57 -16.86
N VAL A 206 4.24 -1.88 -16.04
CA VAL A 206 5.65 -2.16 -15.86
C VAL A 206 5.83 -3.26 -14.83
N GLN A 207 6.76 -4.16 -15.11
CA GLN A 207 7.17 -5.16 -14.14
C GLN A 207 8.65 -5.46 -14.36
N PRO A 208 9.39 -5.77 -13.31
CA PRO A 208 10.78 -6.17 -13.50
C PRO A 208 10.88 -7.48 -14.25
N THR A 209 11.99 -7.66 -14.96
CA THR A 209 12.20 -8.89 -15.70
C THR A 209 12.70 -10.00 -14.78
N ALA A 210 13.34 -9.62 -13.68
CA ALA A 210 13.83 -10.61 -12.73
C ALA A 210 12.73 -11.05 -11.78
N THR A 211 11.66 -10.27 -11.67
CA THR A 211 10.58 -10.55 -10.73
C THR A 211 9.25 -10.26 -11.40
N PRO A 212 8.87 -11.05 -12.39
CA PRO A 212 7.63 -10.77 -13.10
C PRO A 212 6.42 -10.82 -12.17
N ILE A 213 5.63 -9.75 -12.20
CA ILE A 213 4.35 -9.80 -11.51
C ILE A 213 3.38 -10.69 -12.26
N GLY A 214 3.43 -10.66 -13.59
CA GLY A 214 2.55 -11.47 -14.38
C GLY A 214 1.41 -10.66 -14.96
N PRO A 215 0.40 -11.35 -15.48
CA PRO A 215 -0.68 -10.65 -16.18
C PRO A 215 -1.44 -9.68 -15.31
N THR A 216 -1.40 -9.86 -13.99
CA THR A 216 -2.17 -9.00 -13.10
C THR A 216 -1.76 -7.54 -13.20
N TYR A 217 -0.59 -7.23 -13.73
CA TYR A 217 -0.33 -5.89 -14.22
C TYR A 217 -0.49 -5.96 -15.74
N GLN A 218 -1.68 -5.59 -16.19
CA GLN A 218 -2.03 -5.37 -17.58
C GLN A 218 -3.34 -4.60 -17.54
N GLU A 219 -3.65 -3.90 -18.63
CA GLU A 219 -5.03 -3.48 -18.77
C GLU A 219 -5.92 -4.65 -19.16
N ILE A 220 -5.32 -5.72 -19.64
CA ILE A 220 -6.02 -6.88 -20.14
C ILE A 220 -5.33 -8.09 -19.54
N VAL A 221 -6.02 -8.80 -18.68
CA VAL A 221 -5.42 -9.88 -17.91
C VAL A 221 -5.69 -11.20 -18.59
N ILE A 222 -4.69 -12.06 -18.62
CA ILE A 222 -4.86 -13.44 -19.08
C ILE A 222 -4.03 -14.34 -18.20
N ALA A 223 -4.68 -15.33 -17.58
CA ALA A 223 -3.97 -16.29 -16.76
C ALA A 223 -4.80 -17.56 -16.67
N THR A 224 -4.16 -18.62 -16.23
CA THR A 224 -4.81 -19.91 -16.04
C THR A 224 -4.64 -20.32 -14.58
N LYS A 225 -5.75 -20.34 -13.84
CA LYS A 225 -5.74 -20.81 -12.48
C LYS A 225 -5.97 -22.30 -12.45
N ALA A 226 -5.13 -23.01 -11.72
CA ALA A 226 -5.20 -24.47 -11.71
C ALA A 226 -6.46 -24.96 -11.00
N ILE A 227 -6.69 -24.51 -9.77
CA ILE A 227 -7.90 -24.77 -9.00
C ILE A 227 -8.08 -26.26 -8.73
N GLY A 228 -7.19 -27.08 -9.27
CA GLY A 228 -7.32 -28.51 -9.16
C GLY A 228 -6.34 -29.16 -10.12
N ALA A 229 -6.14 -30.45 -9.92
CA ALA A 229 -5.30 -31.21 -10.83
C ALA A 229 -5.91 -31.33 -12.22
N ASN A 230 -7.14 -30.88 -12.40
CA ASN A 230 -7.92 -31.15 -13.59
C ASN A 230 -8.49 -29.88 -14.21
N GLU A 231 -9.26 -29.15 -13.43
CA GLU A 231 -10.29 -28.22 -13.89
C GLU A 231 -9.77 -26.83 -14.26
N SER A 232 -8.47 -26.66 -14.47
CA SER A 232 -7.85 -25.34 -14.50
C SER A 232 -8.69 -24.32 -15.26
N ALA A 233 -8.75 -23.11 -14.70
CA ALA A 233 -9.67 -22.07 -15.11
C ALA A 233 -8.93 -20.95 -15.82
N LEU A 234 -9.62 -20.29 -16.74
CA LEU A 234 -9.06 -19.24 -17.58
C LEU A 234 -9.61 -17.90 -17.10
N VAL A 235 -8.77 -17.11 -16.46
CA VAL A 235 -9.16 -15.81 -15.95
C VAL A 235 -8.76 -14.75 -16.96
N THR A 236 -9.73 -14.04 -17.50
CA THR A 236 -9.47 -12.97 -18.45
C THR A 236 -10.37 -11.79 -18.13
N THR A 237 -9.78 -10.66 -17.80
CA THR A 237 -10.53 -9.45 -17.53
C THR A 237 -9.81 -8.27 -18.14
N ILE A 238 -10.51 -7.14 -18.14
CA ILE A 238 -9.94 -5.86 -18.51
C ILE A 238 -9.75 -5.05 -17.25
N GLN A 239 -8.71 -4.24 -17.24
CA GLN A 239 -8.27 -3.55 -16.04
C GLN A 239 -7.76 -2.18 -16.44
N ASP A 240 -8.07 -1.18 -15.62
CA ASP A 240 -7.58 0.15 -15.87
C ASP A 240 -6.14 0.29 -15.39
N ARG A 241 -5.40 1.18 -16.02
CA ARG A 241 -4.07 1.49 -15.52
C ARG A 241 -4.16 2.15 -14.15
N ARG A 242 -3.05 2.07 -13.44
CA ARG A 242 -2.86 2.84 -12.24
C ARG A 242 -1.39 3.17 -12.15
N SER A 243 -1.09 4.39 -11.73
CA SER A 243 0.27 4.88 -11.70
C SER A 243 0.95 4.52 -10.38
N TYR A 244 0.45 5.08 -9.29
CA TYR A 244 0.96 4.82 -7.96
C TYR A 244 2.42 5.21 -7.84
N PRO A 245 2.75 6.48 -7.97
CA PRO A 245 4.11 6.93 -7.67
C PRO A 245 4.42 6.84 -6.19
N ARG A 246 5.71 6.80 -5.86
CA ARG A 246 6.10 6.54 -4.49
C ARG A 246 6.05 7.81 -3.68
N LEU A 247 5.37 7.74 -2.54
CA LEU A 247 5.44 8.81 -1.57
C LEU A 247 6.83 8.83 -0.94
N MET A 248 7.38 10.03 -0.80
CA MET A 248 8.69 10.20 -0.22
C MET A 248 8.55 11.26 0.85
N LEU A 249 8.69 10.85 2.10
CA LEU A 249 8.71 11.78 3.21
C LEU A 249 10.10 12.36 3.36
N SER A 250 10.19 13.66 3.60
CA SER A 250 11.50 14.23 3.79
C SER A 250 11.39 15.52 4.57
N GLN A 251 12.48 15.87 5.13
CA GLN A 251 12.75 17.20 5.61
C GLN A 251 13.32 18.05 4.49
N PRO A 252 13.31 19.36 4.64
CA PRO A 252 14.04 20.21 3.72
C PRO A 252 15.53 19.89 3.70
N GLN A 253 16.19 20.37 2.64
CA GLN A 253 17.58 20.09 2.38
C GLN A 253 18.49 21.08 3.09
N ILE A 254 17.94 21.91 3.97
CA ILE A 254 18.62 23.11 4.42
C ILE A 254 20.05 22.81 4.80
N LYS A 255 20.94 23.70 4.39
CA LYS A 255 22.34 23.56 4.68
C LYS A 255 22.69 24.33 5.94
N ASP A 256 23.36 23.66 6.86
CA ASP A 256 23.90 24.24 8.06
C ASP A 256 25.42 24.16 7.97
N GLU A 257 26.10 24.70 8.97
CA GLU A 257 27.55 24.59 9.01
C GLU A 257 27.95 23.13 8.95
N THR A 258 28.80 22.81 7.97
CA THR A 258 29.43 21.50 7.83
C THR A 258 28.51 20.44 7.23
N ASP A 259 27.20 20.66 7.24
CA ASP A 259 26.28 19.66 6.72
C ASP A 259 24.89 20.27 6.66
N THR A 260 23.93 19.48 6.19
CA THR A 260 22.53 19.87 6.21
C THR A 260 21.97 19.79 7.62
N MET A 261 20.85 20.48 7.84
CA MET A 261 20.10 20.34 9.07
C MET A 261 19.45 18.99 9.12
N LYS A 262 19.40 18.41 10.31
CA LYS A 262 18.81 17.10 10.51
C LYS A 262 17.59 17.26 11.41
N PHE A 263 16.41 17.09 10.85
CA PHE A 263 15.21 17.18 11.65
C PHE A 263 14.81 15.80 12.15
N LYS A 264 13.76 15.77 12.96
CA LYS A 264 13.07 14.53 13.27
C LYS A 264 11.63 14.87 13.59
N TYR A 265 10.74 14.00 13.13
CA TYR A 265 9.31 14.27 13.15
C TYR A 265 8.61 13.22 14.00
N GLN A 266 7.43 13.59 14.48
CA GLN A 266 6.56 12.67 15.21
C GLN A 266 5.19 12.75 14.56
N ILE A 267 4.75 11.65 13.96
CA ILE A 267 3.55 11.61 13.16
C ILE A 267 2.68 10.47 13.65
N ARG A 268 1.38 10.61 13.45
CA ARG A 268 0.45 9.50 13.61
C ARG A 268 -0.11 9.19 12.23
N ILE A 269 0.30 8.07 11.67
CA ILE A 269 0.00 7.73 10.30
C ILE A 269 -1.12 6.71 10.30
N SER A 270 -2.29 7.13 9.84
CA SER A 270 -3.49 6.32 9.83
C SER A 270 -3.70 5.74 8.44
N THR A 271 -3.90 4.43 8.37
CA THR A 271 -4.16 3.74 7.12
C THR A 271 -5.48 2.99 7.24
N GLU A 272 -6.47 3.38 6.45
CA GLU A 272 -7.72 2.66 6.35
C GLU A 272 -7.80 2.04 4.98
N LEU A 273 -7.90 0.72 4.93
CA LEU A 273 -8.06 -0.01 3.69
C LEU A 273 -9.43 -0.66 3.68
N GLU A 274 -10.32 -0.13 2.85
CA GLU A 274 -11.66 -0.69 2.74
C GLU A 274 -11.62 -1.86 1.78
N MET A 275 -12.00 -3.04 2.26
CA MET A 275 -11.91 -4.25 1.46
C MET A 275 -13.13 -5.10 1.73
N GLU A 276 -13.83 -5.46 0.65
CA GLU A 276 -15.11 -6.14 0.73
C GLU A 276 -14.92 -7.60 0.40
N HIS A 277 -15.04 -8.45 1.41
CA HIS A 277 -14.96 -9.87 1.18
C HIS A 277 -16.27 -10.38 0.64
N HIS A 278 -16.21 -11.07 -0.48
CA HIS A 278 -17.35 -11.78 -1.03
C HIS A 278 -17.25 -13.20 -0.52
N ILE A 279 -18.14 -13.54 0.39
CA ILE A 279 -17.98 -14.75 1.18
C ILE A 279 -18.29 -15.96 0.32
N LYS A 280 -17.69 -17.08 0.68
CA LYS A 280 -17.96 -18.30 -0.04
C LYS A 280 -19.45 -18.57 -0.05
N PRO A 281 -19.95 -19.21 -1.10
CA PRO A 281 -21.36 -19.56 -1.15
C PRO A 281 -21.71 -20.58 -0.10
N ASP A 282 -23.01 -20.71 0.15
CA ASP A 282 -23.50 -21.68 1.10
C ASP A 282 -23.25 -23.11 0.65
N ILE A 283 -22.79 -23.32 -0.57
CA ILE A 283 -22.45 -24.64 -1.07
C ILE A 283 -21.12 -24.57 -1.82
N ALA A 284 -20.26 -25.55 -1.56
CA ALA A 284 -18.92 -25.54 -2.10
C ALA A 284 -18.94 -25.41 -3.61
N ASN A 285 -18.24 -24.39 -4.12
CA ASN A 285 -18.05 -24.20 -5.55
C ASN A 285 -16.61 -23.80 -5.79
N PRO A 286 -15.71 -24.76 -5.93
CA PRO A 286 -14.30 -24.42 -6.15
C PRO A 286 -14.06 -23.58 -7.38
N TRP A 287 -15.02 -23.55 -8.30
CA TRP A 287 -14.84 -22.89 -9.58
C TRP A 287 -15.20 -21.42 -9.58
N LEU A 288 -15.58 -20.86 -8.44
CA LEU A 288 -15.74 -19.42 -8.35
C LEU A 288 -14.43 -18.71 -8.66
N THR A 289 -13.32 -19.40 -8.50
CA THR A 289 -12.03 -18.81 -8.75
C THR A 289 -11.81 -18.45 -10.21
N ARG A 290 -12.74 -18.82 -11.08
CA ARG A 290 -12.59 -18.47 -12.49
C ARG A 290 -12.72 -16.97 -12.68
N GLN A 291 -13.48 -16.31 -11.82
CA GLN A 291 -13.58 -14.86 -11.84
C GLN A 291 -12.75 -14.18 -10.77
N THR A 292 -11.98 -14.93 -9.99
CA THR A 292 -11.01 -14.35 -9.09
C THR A 292 -9.63 -14.47 -9.69
N LEU A 293 -8.82 -13.43 -9.52
CA LEU A 293 -7.45 -13.46 -9.97
C LEU A 293 -6.53 -12.93 -8.88
N PRO A 294 -5.31 -13.46 -8.80
CA PRO A 294 -4.48 -13.17 -7.64
C PRO A 294 -4.01 -11.73 -7.60
N LEU A 295 -3.62 -11.32 -6.41
CA LEU A 295 -2.99 -10.03 -6.24
C LEU A 295 -1.66 -10.01 -6.96
N PRO A 296 -1.27 -8.89 -7.56
CA PRO A 296 0.06 -8.80 -8.16
C PRO A 296 1.14 -8.94 -7.10
N ALA A 297 2.10 -9.79 -7.39
CA ALA A 297 3.18 -10.09 -6.46
C ALA A 297 4.47 -10.27 -7.23
N LEU A 298 5.53 -9.69 -6.70
CA LEU A 298 6.83 -9.84 -7.32
C LEU A 298 7.29 -11.28 -7.16
N SER A 299 7.54 -11.93 -8.27
CA SER A 299 7.92 -13.33 -8.30
C SER A 299 9.44 -13.47 -8.34
N GLY A 300 9.91 -14.69 -8.48
CA GLY A 300 11.32 -14.97 -8.58
C GLY A 300 11.91 -15.39 -7.25
N ASP A 301 13.18 -15.80 -7.32
CA ASP A 301 13.94 -16.16 -6.15
C ASP A 301 14.65 -14.96 -5.54
N GLY A 302 14.53 -13.79 -6.17
CA GLY A 302 15.27 -12.63 -5.70
C GLY A 302 14.88 -12.25 -4.28
N THR A 303 15.91 -12.03 -3.46
CA THR A 303 15.68 -11.56 -2.10
C THR A 303 15.18 -10.13 -2.09
N THR A 304 15.93 -9.24 -2.73
CA THR A 304 15.57 -7.84 -2.84
C THR A 304 14.89 -7.61 -4.18
N ARG A 305 13.66 -7.08 -4.13
CA ARG A 305 12.81 -6.99 -5.30
C ARG A 305 12.28 -5.57 -5.41
N TYR A 306 12.18 -5.09 -6.65
CA TYR A 306 11.92 -3.68 -6.93
C TYR A 306 10.50 -3.55 -7.46
N VAL A 307 9.63 -2.92 -6.68
CA VAL A 307 8.28 -2.63 -7.17
C VAL A 307 8.35 -1.50 -8.19
N PRO A 308 7.61 -1.56 -9.30
CA PRO A 308 7.84 -0.57 -10.35
C PRO A 308 7.60 0.86 -9.92
N CYS A 309 6.46 1.15 -9.34
CA CYS A 309 6.08 2.53 -9.01
C CYS A 309 6.21 3.46 -10.23
N VAL A 310 5.31 3.26 -11.18
CA VAL A 310 5.31 4.10 -12.37
C VAL A 310 4.67 5.44 -11.98
N PRO A 311 5.26 6.55 -12.35
CA PRO A 311 4.75 7.83 -11.86
C PRO A 311 3.38 8.23 -12.37
N TYR A 312 3.14 8.10 -13.67
CA TYR A 312 1.94 8.70 -14.22
C TYR A 312 1.57 8.08 -15.55
N GLU A 313 0.33 8.34 -15.94
CA GLU A 313 -0.23 7.99 -17.23
C GLU A 313 -0.39 9.25 -18.04
N THR A 314 -0.07 9.18 -19.32
CA THR A 314 -0.20 10.31 -20.23
C THR A 314 -1.53 10.21 -20.96
N HIS A 315 -2.41 11.16 -20.72
CA HIS A 315 -3.74 11.11 -21.31
C HIS A 315 -3.69 11.62 -22.74
N VAL A 316 -4.64 11.13 -23.53
CA VAL A 316 -4.63 11.32 -24.98
C VAL A 316 -6.02 11.69 -25.44
N SER A 317 -6.14 12.82 -26.13
CA SER A 317 -7.44 13.34 -26.54
C SER A 317 -8.04 12.52 -27.66
N GLN A 318 -9.35 12.61 -27.80
CA GLN A 318 -10.07 11.87 -28.82
C GLN A 318 -11.29 12.65 -29.30
#